data_3SMZ
#
_entry.id   3SMZ
#
_cell.length_a   104.020
_cell.length_b   104.020
_cell.length_c   50.420
_cell.angle_alpha   90.00
_cell.angle_beta   90.00
_cell.angle_gamma   120.00
#
_symmetry.space_group_name_H-M   'P 65'
#
loop_
_entity.id
_entity.type
_entity.pdbx_description
1 polymer 'Ribonucleoprotein PTB-binding 1'
2 non-polymer 'SULFATE ION'
3 water water
#
_entity_poly.entity_id   1
_entity_poly.type   'polypeptide(L)'
_entity_poly.pdbx_seq_one_letter_code
;HMLDPEEIRKRLEHTERQFRNRRKILIRGLPGDVTNQEVHDLLSDYELKYCFVDKYKGTAFVTLLNGEQAEAAINAFHQS
RLRERELSVQLQPTDALLCVANLPPSLTQQQFEELVRPFGSLERCFLVYSERTGQSKGYGFAEYMKKDSAARAKSDLLGK
PLGPRTLYVHWTDAGQLTPALLHSRCLCVDRLPPGFNDVDALCRALSAVHSPTFCQLACGQDGQLKGFAVLEYETAEMAE
EAQQQADGLSLGGSHLRVSFCAPGPPGRSMLAALIAAQATALNR
;
_entity_poly.pdbx_strand_id   A
#
loop_
_chem_comp.id
_chem_comp.type
_chem_comp.name
_chem_comp.formula
SO4 non-polymer 'SULFATE ION' 'O4 S -2'
#
# COMPACT_ATOMS: atom_id res chain seq x y z
N HIS A 1 -2.40 18.47 -15.58
CA HIS A 1 -1.87 17.34 -14.82
C HIS A 1 -0.85 17.78 -13.77
N MET A 2 -0.39 19.04 -13.84
CA MET A 2 0.56 19.60 -12.88
C MET A 2 -0.21 20.45 -11.86
N LEU A 3 -0.18 20.05 -10.58
CA LEU A 3 -0.83 20.81 -9.50
C LEU A 3 0.17 21.88 -9.01
N ASP A 4 -0.30 22.95 -8.34
CA ASP A 4 0.63 23.98 -7.86
C ASP A 4 1.54 23.42 -6.76
N PRO A 5 2.81 23.88 -6.68
CA PRO A 5 3.75 23.32 -5.68
C PRO A 5 3.26 23.32 -4.23
N GLU A 6 2.23 24.15 -3.90
CA GLU A 6 1.61 24.26 -2.59
C GLU A 6 0.71 23.04 -2.34
N GLU A 7 -0.09 22.64 -3.35
CA GLU A 7 -0.99 21.48 -3.26
C GLU A 7 -0.18 20.20 -3.15
N ILE A 8 0.89 20.08 -3.97
CA ILE A 8 1.82 18.94 -3.98
C ILE A 8 2.42 18.77 -2.58
N ARG A 9 2.94 19.86 -1.96
CA ARG A 9 3.52 19.83 -0.61
C ARG A 9 2.51 19.25 0.40
N LYS A 10 1.29 19.82 0.45
CA LYS A 10 0.17 19.44 1.32
C LYS A 10 -0.15 17.93 1.19
N ARG A 11 -0.24 17.42 -0.06
CA ARG A 11 -0.55 16.03 -0.36
C ARG A 11 0.57 15.08 0.07
N LEU A 12 1.82 15.36 -0.35
CA LEU A 12 2.96 14.49 -0.03
C LEU A 12 3.22 14.39 1.47
N GLU A 13 3.05 15.50 2.19
CA GLU A 13 3.23 15.59 3.63
C GLU A 13 2.13 14.87 4.39
N HIS A 14 0.87 14.95 3.92
CA HIS A 14 -0.25 14.24 4.56
C HIS A 14 -0.02 12.72 4.45
N THR A 15 0.32 12.21 3.24
CA THR A 15 0.61 10.79 3.03
C THR A 15 1.78 10.34 3.91
N GLU A 16 2.90 11.11 3.92
CA GLU A 16 4.09 10.82 4.71
C GLU A 16 3.74 10.66 6.20
N ARG A 17 3.02 11.68 6.75
CA ARG A 17 2.52 11.74 8.13
CA ARG A 17 2.56 11.71 8.15
C ARG A 17 1.65 10.51 8.44
N GLN A 18 0.71 10.20 7.54
CA GLN A 18 -0.19 9.06 7.71
C GLN A 18 0.61 7.75 7.71
N PHE A 19 1.50 7.56 6.71
CA PHE A 19 2.29 6.32 6.59
C PHE A 19 3.15 6.09 7.85
N ARG A 20 3.86 7.15 8.31
CA ARG A 20 4.77 7.09 9.46
C ARG A 20 4.04 7.01 10.80
N ASN A 21 2.70 7.14 10.83
CA ASN A 21 1.95 7.10 12.07
C ASN A 21 1.73 5.65 12.56
N ARG A 22 2.81 5.04 13.01
CA ARG A 22 2.89 3.68 13.55
C ARG A 22 3.59 3.85 14.90
N ARG A 23 2.76 3.93 15.97
CA ARG A 23 3.16 4.22 17.34
CA ARG A 23 3.19 4.22 17.33
C ARG A 23 3.40 2.98 18.24
N LYS A 24 2.95 1.81 17.79
CA LYS A 24 2.99 0.58 18.58
C LYS A 24 4.16 -0.33 18.23
N ILE A 25 4.88 -0.78 19.28
CA ILE A 25 6.00 -1.68 19.05
C ILE A 25 5.82 -2.95 19.86
N LEU A 26 6.54 -3.99 19.44
CA LEU A 26 6.52 -5.25 20.12
C LEU A 26 7.96 -5.60 20.49
N ILE A 27 8.21 -5.79 21.78
CA ILE A 27 9.52 -6.20 22.27
C ILE A 27 9.45 -7.67 22.62
N ARG A 28 10.42 -8.46 22.15
CA ARG A 28 10.48 -9.88 22.40
C ARG A 28 11.84 -10.21 23.00
N GLY A 29 11.93 -11.33 23.71
CA GLY A 29 13.18 -11.81 24.30
C GLY A 29 13.47 -11.30 25.69
N LEU A 30 12.48 -10.68 26.36
CA LEU A 30 12.69 -10.15 27.70
C LEU A 30 12.88 -11.24 28.77
N PRO A 31 13.58 -10.96 29.90
CA PRO A 31 13.68 -11.96 30.98
C PRO A 31 12.30 -12.38 31.52
N GLY A 32 12.18 -13.64 31.91
CA GLY A 32 10.96 -14.24 32.45
C GLY A 32 10.45 -13.58 33.72
N ASP A 33 11.31 -12.80 34.40
CA ASP A 33 11.00 -12.04 35.61
C ASP A 33 10.89 -10.48 35.35
N VAL A 34 10.80 -10.05 34.06
CA VAL A 34 10.68 -8.62 33.66
C VAL A 34 9.37 -7.99 34.23
N THR A 35 9.42 -6.70 34.53
CA THR A 35 8.22 -5.98 35.01
C THR A 35 7.86 -4.84 34.03
N ASN A 36 6.63 -4.27 34.15
CA ASN A 36 6.24 -3.11 33.34
C ASN A 36 7.16 -1.94 33.66
N GLN A 37 7.44 -1.68 34.98
CA GLN A 37 8.36 -0.61 35.39
C GLN A 37 9.74 -0.76 34.73
N GLU A 38 10.29 -1.97 34.68
CA GLU A 38 11.61 -2.19 34.07
C GLU A 38 11.63 -1.78 32.57
N VAL A 39 10.58 -2.10 31.83
CA VAL A 39 10.48 -1.72 30.41
C VAL A 39 10.31 -0.20 30.33
N HIS A 40 9.49 0.41 31.22
CA HIS A 40 9.36 1.89 31.28
C HIS A 40 10.75 2.55 31.47
N ASP A 41 11.56 2.01 32.41
CA ASP A 41 12.92 2.48 32.71
C ASP A 41 13.88 2.25 31.54
N LEU A 42 13.78 1.12 30.85
CA LEU A 42 14.65 0.86 29.69
C LEU A 42 14.36 1.89 28.61
N LEU A 43 13.10 2.25 28.46
CA LEU A 43 12.63 3.25 27.48
C LEU A 43 12.49 4.66 28.16
N SER A 44 13.37 5.01 29.11
CA SER A 44 13.31 6.29 29.85
C SER A 44 13.46 7.53 28.93
N ASP A 45 14.05 7.40 27.73
CA ASP A 45 14.15 8.53 26.78
C ASP A 45 12.86 8.77 25.99
N TYR A 46 11.82 7.94 26.21
CA TYR A 46 10.56 8.00 25.48
C TYR A 46 9.37 8.10 26.41
N GLU A 47 8.36 8.86 25.98
CA GLU A 47 7.12 9.03 26.70
C GLU A 47 6.19 7.91 26.26
N LEU A 48 5.82 7.04 27.20
CA LEU A 48 5.00 5.89 26.80
C LEU A 48 3.53 6.04 27.20
N LYS A 49 2.61 5.87 26.22
CA LYS A 49 1.19 5.86 26.53
C LYS A 49 0.85 4.53 27.20
N TYR A 50 1.34 3.43 26.61
CA TYR A 50 1.06 2.09 27.12
C TYR A 50 2.29 1.26 27.18
N CYS A 51 2.36 0.43 28.19
CA CYS A 51 3.41 -0.53 28.36
C CYS A 51 2.85 -1.76 29.07
N PHE A 52 2.60 -2.84 28.30
CA PHE A 52 2.05 -4.05 28.92
C PHE A 52 2.95 -5.29 28.68
N VAL A 53 3.50 -5.85 29.75
CA VAL A 53 4.35 -7.03 29.65
C VAL A 53 3.47 -8.30 29.62
N ASP A 54 3.91 -9.28 28.82
CA ASP A 54 3.35 -10.62 28.66
C ASP A 54 4.49 -11.47 29.21
N LYS A 55 4.56 -11.51 30.55
CA LYS A 55 5.56 -12.12 31.41
C LYS A 55 5.94 -13.57 31.02
N TYR A 56 4.96 -14.39 30.61
CA TYR A 56 5.22 -15.79 30.28
C TYR A 56 5.68 -15.95 28.84
N LYS A 57 5.57 -14.88 28.04
CA LYS A 57 6.01 -14.90 26.66
C LYS A 57 7.27 -14.04 26.45
N GLY A 58 7.76 -13.40 27.53
CA GLY A 58 8.90 -12.49 27.53
C GLY A 58 8.70 -11.34 26.56
N THR A 59 7.45 -10.93 26.38
CA THR A 59 7.01 -9.93 25.41
C THR A 59 6.48 -8.67 26.11
N ALA A 60 6.65 -7.49 25.48
CA ALA A 60 6.07 -6.24 25.93
C ALA A 60 5.43 -5.51 24.74
N PHE A 61 4.21 -5.02 24.94
CA PHE A 61 3.42 -4.26 23.95
C PHE A 61 3.51 -2.84 24.35
N VAL A 62 4.10 -2.01 23.51
CA VAL A 62 4.33 -0.62 23.88
C VAL A 62 3.74 0.32 22.85
N THR A 63 3.04 1.37 23.34
CA THR A 63 2.51 2.45 22.52
C THR A 63 3.29 3.70 22.86
N LEU A 64 3.98 4.30 21.88
CA LEU A 64 4.73 5.54 22.13
C LEU A 64 3.87 6.75 21.67
N LEU A 65 4.34 7.99 21.91
CA LEU A 65 3.64 9.25 21.61
C LEU A 65 3.35 9.46 20.09
N ASN A 66 4.27 8.99 19.22
CA ASN A 66 4.14 9.18 17.78
C ASN A 66 5.05 8.17 17.05
N GLY A 67 5.00 8.14 15.73
CA GLY A 67 5.77 7.23 14.89
C GLY A 67 7.26 7.44 14.95
N GLU A 68 7.69 8.73 15.08
CA GLU A 68 9.10 9.11 15.17
C GLU A 68 9.79 8.45 16.39
N GLN A 69 9.17 8.57 17.58
CA GLN A 69 9.68 8.00 18.84
C GLN A 69 9.67 6.47 18.76
N ALA A 70 8.62 5.87 18.15
CA ALA A 70 8.55 4.41 17.93
C ALA A 70 9.74 3.93 17.06
N GLU A 71 10.05 4.62 15.94
CA GLU A 71 11.19 4.31 15.06
C GLU A 71 12.53 4.48 15.80
N ALA A 72 12.64 5.53 16.62
CA ALA A 72 13.84 5.81 17.38
C ALA A 72 14.11 4.71 18.43
N ALA A 73 13.05 4.29 19.16
CA ALA A 73 13.08 3.23 20.17
C ALA A 73 13.50 1.89 19.53
N ILE A 74 13.04 1.60 18.30
CA ILE A 74 13.36 0.37 17.57
C ILE A 74 14.85 0.34 17.25
N ASN A 75 15.36 1.45 16.64
CA ASN A 75 16.77 1.56 16.27
C ASN A 75 17.66 1.50 17.50
N ALA A 76 17.19 2.04 18.64
CA ALA A 76 17.99 2.04 19.87
C ALA A 76 18.02 0.71 20.59
N PHE A 77 16.90 -0.06 20.58
CA PHE A 77 16.82 -1.28 21.41
C PHE A 77 16.76 -2.60 20.65
N HIS A 78 16.50 -2.58 19.34
CA HIS A 78 16.53 -3.81 18.56
C HIS A 78 17.95 -4.37 18.55
N GLN A 79 18.09 -5.63 18.97
CA GLN A 79 19.33 -6.39 19.10
C GLN A 79 20.17 -5.89 20.31
N SER A 80 19.62 -4.97 21.14
CA SER A 80 20.30 -4.57 22.37
C SER A 80 20.03 -5.67 23.42
N ARG A 81 20.57 -5.52 24.61
CA ARG A 81 20.45 -6.51 25.67
C ARG A 81 19.93 -5.95 26.96
N LEU A 82 19.05 -6.72 27.61
CA LEU A 82 18.53 -6.37 28.93
C LEU A 82 18.89 -7.50 29.86
N ARG A 83 19.75 -7.24 30.84
CA ARG A 83 20.22 -8.23 31.82
C ARG A 83 20.68 -9.52 31.07
N GLU A 84 21.49 -9.29 30.01
CA GLU A 84 22.12 -10.24 29.08
C GLU A 84 21.13 -10.94 28.11
N ARG A 85 19.81 -10.64 28.16
CA ARG A 85 18.87 -11.22 27.21
C ARG A 85 18.86 -10.34 25.97
N GLU A 86 19.09 -10.90 24.78
CA GLU A 86 19.03 -10.08 23.57
C GLU A 86 17.55 -9.82 23.18
N LEU A 87 17.26 -8.57 22.89
CA LEU A 87 15.89 -8.19 22.55
C LEU A 87 15.70 -8.07 21.07
N SER A 88 14.47 -8.35 20.63
CA SER A 88 14.02 -8.07 19.29
C SER A 88 12.95 -6.97 19.44
N VAL A 89 13.09 -5.87 18.69
CA VAL A 89 12.17 -4.73 18.79
C VAL A 89 11.75 -4.36 17.38
N GLN A 90 10.44 -4.30 17.15
CA GLN A 90 9.91 -3.98 15.84
C GLN A 90 8.57 -3.31 15.97
N LEU A 91 8.03 -2.78 14.86
CA LEU A 91 6.70 -2.23 14.92
C LEU A 91 5.76 -3.42 15.11
N GLN A 92 4.72 -3.27 15.91
CA GLN A 92 3.79 -4.39 16.10
C GLN A 92 3.12 -4.79 14.78
N PRO A 93 3.16 -6.08 14.39
CA PRO A 93 2.47 -6.52 13.18
C PRO A 93 0.97 -6.25 13.27
N THR A 94 0.35 -5.95 12.13
CA THR A 94 -1.09 -5.77 12.02
C THR A 94 -1.60 -6.75 10.97
N ASP A 95 -2.82 -7.25 11.16
CA ASP A 95 -3.51 -8.14 10.23
C ASP A 95 -4.73 -7.36 9.66
N ALA A 96 -4.74 -6.02 9.82
CA ALA A 96 -5.87 -5.16 9.42
C ALA A 96 -5.53 -4.10 8.33
N LEU A 97 -4.57 -4.38 7.44
CA LEU A 97 -4.20 -3.40 6.43
C LEU A 97 -4.67 -3.82 5.02
N LEU A 98 -5.40 -2.91 4.37
CA LEU A 98 -5.85 -3.11 3.01
C LEU A 98 -5.23 -2.12 2.06
N CYS A 99 -5.04 -2.56 0.82
CA CYS A 99 -4.76 -1.65 -0.26
C CYS A 99 -6.03 -1.59 -1.11
N VAL A 100 -6.58 -0.41 -1.34
CA VAL A 100 -7.76 -0.20 -2.17
C VAL A 100 -7.23 0.37 -3.48
N ALA A 101 -7.42 -0.36 -4.59
CA ALA A 101 -6.85 0.13 -5.84
C ALA A 101 -7.92 0.28 -6.93
N ASN A 102 -7.52 0.91 -8.03
CA ASN A 102 -8.32 1.25 -9.20
C ASN A 102 -9.37 2.30 -8.84
N LEU A 103 -8.98 3.24 -7.97
CA LEU A 103 -9.78 4.41 -7.62
C LEU A 103 -9.70 5.42 -8.73
N PRO A 104 -10.76 6.23 -8.99
CA PRO A 104 -10.60 7.32 -9.96
C PRO A 104 -9.46 8.23 -9.48
N PRO A 105 -8.47 8.61 -10.31
CA PRO A 105 -7.35 9.43 -9.78
C PRO A 105 -7.79 10.83 -9.26
N SER A 106 -9.03 11.32 -9.57
CA SER A 106 -9.49 12.62 -9.04
C SER A 106 -10.20 12.46 -7.67
N LEU A 107 -10.39 11.21 -7.20
CA LEU A 107 -10.95 10.88 -5.88
C LEU A 107 -9.92 11.41 -4.86
N THR A 108 -10.35 12.33 -3.98
CA THR A 108 -9.47 13.01 -3.01
C THR A 108 -9.20 12.17 -1.75
N GLN A 109 -8.21 12.60 -0.96
CA GLN A 109 -7.85 12.01 0.33
C GLN A 109 -9.06 12.00 1.29
N GLN A 110 -9.81 13.11 1.35
CA GLN A 110 -11.00 13.25 2.21
C GLN A 110 -12.07 12.27 1.77
N GLN A 111 -12.27 12.13 0.46
CA GLN A 111 -13.25 11.19 -0.07
C GLN A 111 -12.82 9.77 0.18
N PHE A 112 -11.50 9.49 0.15
CA PHE A 112 -10.99 8.13 0.40
C PHE A 112 -11.23 7.74 1.88
N GLU A 113 -11.04 8.69 2.81
CA GLU A 113 -11.30 8.47 4.24
C GLU A 113 -12.79 8.24 4.42
N GLU A 114 -13.63 9.02 3.71
CA GLU A 114 -15.09 8.88 3.81
C GLU A 114 -15.58 7.52 3.21
N LEU A 115 -14.81 6.95 2.28
CA LEU A 115 -15.13 5.65 1.69
C LEU A 115 -14.81 4.47 2.67
N VAL A 116 -13.72 4.55 3.39
CA VAL A 116 -13.23 3.45 4.24
C VAL A 116 -13.59 3.58 5.73
N ARG A 117 -13.77 4.82 6.25
CA ARG A 117 -14.14 5.05 7.66
C ARG A 117 -15.49 4.35 8.10
N PRO A 118 -16.55 4.18 7.26
CA PRO A 118 -17.79 3.55 7.80
C PRO A 118 -17.59 2.14 8.37
N PHE A 119 -16.50 1.45 7.94
CA PHE A 119 -16.30 0.08 8.37
C PHE A 119 -15.68 -0.06 9.77
N GLY A 120 -15.14 1.01 10.32
CA GLY A 120 -14.51 1.00 11.64
C GLY A 120 -13.40 2.02 11.74
N SER A 121 -12.91 2.28 12.97
CA SER A 121 -11.89 3.30 13.21
C SER A 121 -10.55 2.91 12.57
N LEU A 122 -9.83 3.94 12.12
CA LEU A 122 -8.59 3.76 11.37
C LEU A 122 -7.37 4.20 12.13
N GLU A 123 -6.29 3.43 11.94
CA GLU A 123 -4.98 3.73 12.47
C GLU A 123 -4.24 4.59 11.47
N ARG A 124 -4.36 4.24 10.16
CA ARG A 124 -3.73 4.97 9.05
C ARG A 124 -4.66 4.97 7.86
N CYS A 125 -4.68 6.04 7.10
CA CYS A 125 -5.49 6.14 5.90
C CYS A 125 -4.86 7.12 4.93
N PHE A 126 -4.41 6.62 3.78
CA PHE A 126 -3.77 7.56 2.84
C PHE A 126 -3.79 7.08 1.41
N LEU A 127 -3.90 8.03 0.50
CA LEU A 127 -3.69 7.81 -0.93
C LEU A 127 -2.18 7.88 -1.17
N VAL A 128 -1.69 7.28 -2.25
CA VAL A 128 -0.30 7.39 -2.65
C VAL A 128 -0.30 8.31 -3.88
N TYR A 129 0.55 9.33 -3.85
CA TYR A 129 0.64 10.31 -4.91
C TYR A 129 1.96 10.27 -5.65
N SER A 130 1.93 10.69 -6.91
CA SER A 130 3.15 10.89 -7.69
C SER A 130 3.92 12.06 -7.04
N GLU A 131 5.20 11.85 -6.67
CA GLU A 131 6.00 12.91 -6.06
C GLU A 131 6.26 14.09 -7.02
N ARG A 132 6.30 13.81 -8.34
CA ARG A 132 6.53 14.81 -9.39
CA ARG A 132 6.53 14.82 -9.38
C ARG A 132 5.31 15.74 -9.56
N THR A 133 4.12 15.16 -9.86
CA THR A 133 2.88 15.91 -10.13
C THR A 133 1.95 16.14 -8.93
N GLY A 134 2.01 15.30 -7.91
CA GLY A 134 1.08 15.38 -6.79
C GLY A 134 -0.25 14.71 -7.12
N GLN A 135 -0.36 14.09 -8.30
CA GLN A 135 -1.57 13.39 -8.72
C GLN A 135 -1.69 12.02 -8.04
N SER A 136 -2.93 11.63 -7.71
CA SER A 136 -3.19 10.32 -7.12
C SER A 136 -2.85 9.24 -8.11
N LYS A 137 -2.22 8.16 -7.62
CA LYS A 137 -1.90 6.98 -8.41
C LYS A 137 -3.13 6.02 -8.44
N GLY A 138 -4.25 6.46 -7.85
CA GLY A 138 -5.51 5.72 -7.81
C GLY A 138 -5.58 4.61 -6.77
N TYR A 139 -4.61 4.58 -5.85
CA TYR A 139 -4.70 3.57 -4.82
C TYR A 139 -4.30 4.19 -3.48
N GLY A 140 -4.82 3.60 -2.41
CA GLY A 140 -4.55 4.02 -1.04
C GLY A 140 -4.55 2.88 -0.04
N PHE A 141 -4.14 3.18 1.17
CA PHE A 141 -4.05 2.19 2.22
C PHE A 141 -4.96 2.58 3.34
N ALA A 142 -5.63 1.58 3.90
CA ALA A 142 -6.54 1.75 5.00
C ALA A 142 -6.17 0.71 6.06
N GLU A 143 -5.57 1.17 7.17
CA GLU A 143 -5.20 0.28 8.27
C GLU A 143 -6.21 0.47 9.39
N TYR A 144 -6.97 -0.58 9.67
CA TYR A 144 -7.98 -0.43 10.71
C TYR A 144 -7.44 -0.84 12.06
N MET A 145 -8.08 -0.36 13.15
CA MET A 145 -7.76 -0.76 14.52
C MET A 145 -8.08 -2.25 14.73
N LYS A 146 -9.13 -2.75 14.05
CA LYS A 146 -9.60 -4.12 14.22
C LYS A 146 -9.65 -4.88 12.90
N LYS A 147 -9.18 -6.14 12.91
CA LYS A 147 -9.21 -7.03 11.75
C LYS A 147 -10.64 -7.17 11.16
N ASP A 148 -11.68 -7.25 12.02
CA ASP A 148 -13.07 -7.39 11.56
C ASP A 148 -13.53 -6.18 10.76
N SER A 149 -13.06 -4.97 11.12
CA SER A 149 -13.41 -3.77 10.33
C SER A 149 -12.85 -3.92 8.90
N ALA A 150 -11.57 -4.37 8.79
CA ALA A 150 -10.87 -4.59 7.52
C ALA A 150 -11.53 -5.69 6.69
N ALA A 151 -11.98 -6.77 7.34
CA ALA A 151 -12.67 -7.88 6.66
C ALA A 151 -13.97 -7.41 6.01
N ARG A 152 -14.74 -6.59 6.74
CA ARG A 152 -16.00 -6.04 6.24
C ARG A 152 -15.77 -5.01 5.14
N ALA A 153 -14.73 -4.19 5.30
CA ALA A 153 -14.38 -3.19 4.28
C ALA A 153 -13.98 -3.88 2.96
N LYS A 154 -13.18 -4.96 3.03
CA LYS A 154 -12.74 -5.65 1.81
C LYS A 154 -13.95 -6.33 1.11
N SER A 155 -14.81 -6.99 1.89
CA SER A 155 -15.97 -7.69 1.34
C SER A 155 -16.90 -6.70 0.61
N ASP A 156 -17.05 -5.49 1.17
CA ASP A 156 -17.92 -4.51 0.54
C ASP A 156 -17.27 -3.86 -0.71
N LEU A 157 -16.04 -3.38 -0.58
CA LEU A 157 -15.32 -2.58 -1.57
C LEU A 157 -14.77 -3.37 -2.74
N LEU A 158 -14.38 -4.65 -2.53
CA LEU A 158 -13.90 -5.49 -3.63
C LEU A 158 -15.02 -5.65 -4.69
N GLY A 159 -14.76 -5.16 -5.89
CA GLY A 159 -15.73 -5.22 -6.98
C GLY A 159 -16.74 -4.09 -6.97
N LYS A 160 -16.60 -3.13 -6.03
CA LYS A 160 -17.52 -2.00 -5.96
C LYS A 160 -17.33 -1.07 -7.19
N PRO A 161 -18.43 -0.71 -7.87
CA PRO A 161 -18.33 0.28 -8.96
C PRO A 161 -18.20 1.71 -8.36
N LEU A 162 -17.19 2.47 -8.82
CA LEU A 162 -16.97 3.84 -8.37
C LEU A 162 -16.69 4.68 -9.59
N GLY A 163 -17.72 5.36 -10.09
CA GLY A 163 -17.63 6.10 -11.33
C GLY A 163 -17.30 5.17 -12.50
N PRO A 164 -16.30 5.49 -13.35
CA PRO A 164 -15.97 4.56 -14.47
C PRO A 164 -15.01 3.43 -14.05
N ARG A 165 -14.92 3.15 -12.75
CA ARG A 165 -14.01 2.16 -12.24
C ARG A 165 -14.72 1.10 -11.42
N THR A 166 -14.12 -0.09 -11.37
CA THR A 166 -14.47 -1.19 -10.49
C THR A 166 -13.28 -1.31 -9.51
N LEU A 167 -13.52 -1.18 -8.21
CA LEU A 167 -12.44 -1.24 -7.23
C LEU A 167 -11.85 -2.61 -7.00
N TYR A 168 -10.54 -2.65 -6.79
CA TYR A 168 -9.81 -3.85 -6.40
C TYR A 168 -9.31 -3.69 -4.96
N VAL A 169 -9.36 -4.75 -4.15
CA VAL A 169 -8.87 -4.64 -2.77
C VAL A 169 -8.03 -5.86 -2.44
N HIS A 170 -6.85 -5.66 -1.84
CA HIS A 170 -6.12 -6.81 -1.37
C HIS A 170 -5.53 -6.55 0.01
N TRP A 171 -5.40 -7.63 0.79
CA TRP A 171 -4.76 -7.57 2.11
C TRP A 171 -3.30 -7.30 1.90
N THR A 172 -2.70 -6.37 2.64
CA THR A 172 -1.28 -6.06 2.49
C THR A 172 -0.59 -6.27 3.80
N ASP A 173 0.65 -6.80 3.75
CA ASP A 173 1.50 -6.95 4.94
C ASP A 173 2.17 -5.57 5.21
N ALA A 174 1.81 -4.90 6.30
CA ALA A 174 2.33 -3.58 6.71
C ALA A 174 3.83 -3.58 6.94
N GLY A 175 4.36 -4.70 7.45
CA GLY A 175 5.77 -4.87 7.77
C GLY A 175 6.70 -4.70 6.58
N GLN A 176 6.19 -4.94 5.37
CA GLN A 176 7.00 -4.84 4.15
C GLN A 176 6.85 -3.52 3.34
N LEU A 177 6.07 -2.55 3.84
CA LEU A 177 5.95 -1.26 3.15
C LEU A 177 7.00 -0.27 3.65
N THR A 178 7.59 0.48 2.72
CA THR A 178 8.55 1.56 2.98
C THR A 178 8.07 2.75 2.13
N PRO A 179 8.53 4.02 2.36
CA PRO A 179 8.08 5.13 1.51
C PRO A 179 8.29 4.86 0.01
N ALA A 180 9.33 4.08 -0.34
CA ALA A 180 9.64 3.74 -1.73
C ALA A 180 8.74 2.63 -2.26
N LEU A 181 8.45 1.60 -1.44
CA LEU A 181 7.63 0.47 -1.84
C LEU A 181 6.11 0.80 -1.89
N LEU A 182 5.73 2.04 -1.51
CA LEU A 182 4.37 2.53 -1.62
C LEU A 182 4.04 2.73 -3.10
N HIS A 183 5.08 2.95 -3.93
CA HIS A 183 4.95 3.20 -5.36
C HIS A 183 5.08 1.89 -6.11
N SER A 184 3.99 1.52 -6.77
CA SER A 184 3.83 0.29 -7.52
C SER A 184 4.76 0.23 -8.72
N ARG A 185 5.17 -0.99 -9.06
CA ARG A 185 6.01 -1.28 -10.24
C ARG A 185 5.15 -1.92 -11.36
N CYS A 186 3.88 -2.26 -11.04
CA CYS A 186 2.90 -2.91 -11.94
C CYS A 186 1.84 -1.91 -12.42
N LEU A 187 1.51 -1.99 -13.72
CA LEU A 187 0.47 -1.18 -14.36
C LEU A 187 -0.64 -2.06 -14.90
N CYS A 188 -1.86 -1.51 -14.97
CA CYS A 188 -3.00 -2.21 -15.58
C CYS A 188 -3.45 -1.39 -16.77
N VAL A 189 -3.39 -1.99 -17.97
CA VAL A 189 -3.84 -1.40 -19.23
C VAL A 189 -5.20 -2.01 -19.57
N ASP A 190 -6.25 -1.18 -19.66
CA ASP A 190 -7.55 -1.68 -20.07
C ASP A 190 -8.16 -0.66 -21.04
N ARG A 191 -9.48 -0.76 -21.36
CA ARG A 191 -10.16 0.07 -22.36
C ARG A 191 -9.45 -0.16 -23.70
N LEU A 192 -9.00 -1.42 -23.89
CA LEU A 192 -8.38 -1.90 -25.10
C LEU A 192 -9.46 -2.00 -26.18
N PRO A 193 -9.15 -1.97 -27.49
CA PRO A 193 -10.21 -2.21 -28.47
C PRO A 193 -10.83 -3.59 -28.20
N PRO A 194 -12.18 -3.75 -28.17
CA PRO A 194 -12.76 -5.09 -27.86
C PRO A 194 -12.23 -6.16 -28.82
N GLY A 195 -11.77 -7.27 -28.26
CA GLY A 195 -11.19 -8.35 -29.04
C GLY A 195 -9.72 -8.14 -29.39
N PHE A 196 -8.95 -7.50 -28.48
CA PHE A 196 -7.51 -7.26 -28.66
C PHE A 196 -6.75 -8.52 -28.19
N ASN A 197 -5.93 -9.14 -29.08
CA ASN A 197 -5.23 -10.39 -28.75
C ASN A 197 -3.72 -10.36 -29.09
N ASP A 198 -3.28 -9.49 -30.00
CA ASP A 198 -1.85 -9.46 -30.32
C ASP A 198 -1.11 -8.56 -29.29
N VAL A 199 -0.42 -9.21 -28.35
CA VAL A 199 0.32 -8.66 -27.21
C VAL A 199 1.44 -7.68 -27.63
N ASP A 200 2.29 -8.10 -28.58
CA ASP A 200 3.49 -7.43 -29.10
C ASP A 200 3.37 -5.91 -29.38
N ALA A 201 2.30 -5.44 -30.05
CA ALA A 201 2.13 -4.01 -30.40
C ALA A 201 1.84 -3.14 -29.17
N LEU A 202 1.10 -3.68 -28.19
CA LEU A 202 0.74 -2.97 -26.94
C LEU A 202 2.02 -2.73 -26.09
N CYS A 203 2.80 -3.79 -25.88
CA CYS A 203 4.06 -3.77 -25.14
C CYS A 203 5.07 -2.79 -25.77
N ARG A 204 5.15 -2.74 -27.12
CA ARG A 204 6.02 -1.81 -27.84
C ARG A 204 5.52 -0.36 -27.70
N ALA A 205 4.19 -0.16 -27.65
CA ALA A 205 3.57 1.17 -27.45
C ALA A 205 3.81 1.67 -26.01
N LEU A 206 4.05 0.74 -25.07
CA LEU A 206 4.35 1.05 -23.67
C LEU A 206 5.88 0.99 -23.42
N SER A 207 6.68 0.89 -24.51
CA SER A 207 8.13 0.87 -24.48
C SER A 207 8.70 2.22 -24.98
N ALA A 208 7.81 3.23 -25.15
CA ALA A 208 8.14 4.59 -25.61
C ALA A 208 9.17 5.28 -24.69
N VAL A 209 9.04 5.11 -23.35
CA VAL A 209 9.96 5.70 -22.36
C VAL A 209 10.89 4.60 -21.81
N HIS A 210 10.32 3.55 -21.17
CA HIS A 210 11.08 2.44 -20.60
C HIS A 210 10.54 1.09 -21.11
N SER A 211 11.38 0.05 -21.08
CA SER A 211 11.06 -1.30 -21.55
C SER A 211 10.51 -2.16 -20.40
N PRO A 212 9.27 -2.67 -20.49
CA PRO A 212 8.73 -3.48 -19.38
C PRO A 212 9.38 -4.85 -19.20
N THR A 213 9.46 -5.30 -17.92
CA THR A 213 10.03 -6.58 -17.46
C THR A 213 8.96 -7.69 -17.57
N PHE A 214 7.70 -7.28 -17.74
CA PHE A 214 6.52 -8.13 -17.89
C PHE A 214 5.46 -7.32 -18.63
N CYS A 215 4.75 -7.97 -19.57
CA CYS A 215 3.70 -7.36 -20.38
C CYS A 215 2.86 -8.47 -21.01
N GLN A 216 1.82 -8.89 -20.27
CA GLN A 216 0.89 -9.96 -20.61
C GLN A 216 -0.55 -9.47 -20.73
N LEU A 217 -1.34 -10.15 -21.59
CA LEU A 217 -2.77 -9.94 -21.82
C LEU A 217 -3.56 -10.92 -20.96
N ALA A 218 -4.63 -10.45 -20.32
CA ALA A 218 -5.47 -11.27 -19.45
C ALA A 218 -6.51 -12.09 -20.20
N CYS A 219 -6.69 -13.35 -19.74
CA CYS A 219 -7.65 -14.36 -20.20
C CYS A 219 -7.80 -15.44 -19.11
N GLY A 220 -9.04 -15.86 -18.87
CA GLY A 220 -9.39 -16.81 -17.82
C GLY A 220 -9.26 -18.30 -18.11
N GLN A 221 -9.92 -19.11 -17.24
CA GLN A 221 -9.96 -20.58 -17.28
C GLN A 221 -10.57 -21.10 -18.57
N ASP A 222 -11.51 -20.33 -19.15
CA ASP A 222 -12.20 -20.61 -20.41
C ASP A 222 -11.25 -20.38 -21.60
N GLY A 223 -10.34 -19.40 -21.46
CA GLY A 223 -9.37 -19.02 -22.49
C GLY A 223 -9.75 -17.78 -23.26
N GLN A 224 -10.88 -17.14 -22.88
CA GLN A 224 -11.43 -15.93 -23.49
C GLN A 224 -10.80 -14.69 -22.86
N LEU A 225 -10.44 -13.72 -23.72
CA LEU A 225 -9.83 -12.45 -23.33
C LEU A 225 -10.71 -11.73 -22.32
N LYS A 226 -10.13 -11.38 -21.16
CA LYS A 226 -10.84 -10.69 -20.08
C LYS A 226 -10.86 -9.17 -20.31
N GLY A 227 -10.17 -8.72 -21.36
CA GLY A 227 -10.15 -7.32 -21.77
C GLY A 227 -9.12 -6.42 -21.12
N PHE A 228 -8.15 -6.98 -20.38
CA PHE A 228 -7.15 -6.12 -19.75
C PHE A 228 -5.74 -6.70 -19.84
N ALA A 229 -4.72 -5.89 -19.46
CA ALA A 229 -3.32 -6.28 -19.43
C ALA A 229 -2.62 -5.81 -18.15
N VAL A 230 -1.72 -6.64 -17.61
CA VAL A 230 -0.90 -6.36 -16.41
C VAL A 230 0.57 -6.31 -16.82
N LEU A 231 1.25 -5.17 -16.56
CA LEU A 231 2.66 -4.91 -16.90
C LEU A 231 3.51 -4.63 -15.67
N GLU A 232 4.78 -5.05 -15.69
CA GLU A 232 5.73 -4.80 -14.61
C GLU A 232 6.97 -4.11 -15.17
N TYR A 233 7.54 -3.16 -14.41
CA TYR A 233 8.77 -2.43 -14.73
C TYR A 233 9.76 -2.67 -13.63
N GLU A 234 11.07 -2.59 -13.97
CA GLU A 234 12.21 -2.79 -13.07
C GLU A 234 12.08 -1.93 -11.80
N THR A 235 11.80 -0.61 -11.97
CA THR A 235 11.66 0.34 -10.86
C THR A 235 10.25 0.97 -10.85
N ALA A 236 9.89 1.57 -9.70
CA ALA A 236 8.65 2.31 -9.46
C ALA A 236 8.60 3.56 -10.34
N GLU A 237 9.74 4.27 -10.46
CA GLU A 237 9.94 5.47 -11.27
C GLU A 237 9.64 5.18 -12.75
N MET A 238 10.14 4.03 -13.25
CA MET A 238 9.97 3.54 -14.62
C MET A 238 8.48 3.37 -14.92
N ALA A 239 7.74 2.74 -13.97
CA ALA A 239 6.31 2.55 -14.06
C ALA A 239 5.56 3.89 -14.11
N GLU A 240 5.91 4.83 -13.22
CA GLU A 240 5.29 6.17 -13.16
C GLU A 240 5.42 6.94 -14.50
N GLU A 241 6.66 7.07 -15.04
CA GLU A 241 7.00 7.78 -16.28
C GLU A 241 6.28 7.16 -17.49
N ALA A 242 6.29 5.82 -17.58
CA ALA A 242 5.63 5.07 -18.62
C ALA A 242 4.11 5.35 -18.65
N GLN A 243 3.40 5.27 -17.48
CA GLN A 243 1.95 5.47 -17.45
C GLN A 243 1.56 6.93 -17.74
N GLN A 244 2.39 7.91 -17.35
CA GLN A 244 2.15 9.35 -17.53
C GLN A 244 2.01 9.73 -19.01
N GLN A 245 2.82 9.14 -19.91
CA GLN A 245 2.74 9.47 -21.33
C GLN A 245 1.89 8.44 -22.11
N ALA A 246 1.73 7.20 -21.59
CA ALA A 246 0.94 6.17 -22.27
C ALA A 246 -0.57 6.28 -21.91
N ASP A 247 -0.93 7.14 -20.93
CA ASP A 247 -2.34 7.30 -20.59
C ASP A 247 -3.07 8.12 -21.65
N GLY A 248 -4.16 7.54 -22.15
CA GLY A 248 -4.98 8.15 -23.18
C GLY A 248 -4.38 8.01 -24.56
N LEU A 249 -3.40 7.11 -24.71
CA LEU A 249 -2.72 6.84 -25.98
C LEU A 249 -3.68 6.10 -26.93
N SER A 250 -3.84 6.65 -28.15
CA SER A 250 -4.69 6.07 -29.19
C SER A 250 -4.02 4.83 -29.77
N LEU A 251 -4.72 3.69 -29.71
CA LEU A 251 -4.25 2.41 -30.23
C LEU A 251 -5.45 1.64 -30.74
N GLY A 252 -5.52 1.48 -32.06
CA GLY A 252 -6.63 0.81 -32.71
C GLY A 252 -7.85 1.71 -32.71
N GLY A 253 -8.97 1.17 -32.22
CA GLY A 253 -10.22 1.92 -32.14
C GLY A 253 -10.54 2.58 -30.81
N SER A 254 -9.56 2.66 -29.86
CA SER A 254 -9.81 3.26 -28.53
C SER A 254 -8.57 3.77 -27.78
N HIS A 255 -8.75 4.90 -27.03
CA HIS A 255 -7.72 5.51 -26.19
C HIS A 255 -7.53 4.62 -24.98
N LEU A 256 -6.33 4.03 -24.85
CA LEU A 256 -6.00 3.12 -23.77
C LEU A 256 -5.93 3.80 -22.43
N ARG A 257 -6.48 3.12 -21.42
CA ARG A 257 -6.43 3.59 -20.04
C ARG A 257 -5.35 2.80 -19.33
N VAL A 258 -4.36 3.51 -18.77
CA VAL A 258 -3.26 2.83 -18.07
C VAL A 258 -3.25 3.35 -16.64
N SER A 259 -3.30 2.40 -15.73
CA SER A 259 -3.45 2.69 -14.30
C SER A 259 -2.46 1.91 -13.47
N PHE A 260 -2.24 2.37 -12.23
CA PHE A 260 -1.37 1.68 -11.32
C PHE A 260 -2.10 0.55 -10.61
N CYS A 261 -1.44 -0.62 -10.52
CA CYS A 261 -1.91 -1.77 -9.74
C CYS A 261 -1.55 -1.55 -8.27
N ALA A 262 -2.23 -2.25 -7.33
CA ALA A 262 -1.84 -2.24 -5.91
C ALA A 262 -0.38 -2.69 -5.81
N PRO A 263 0.51 -1.96 -5.07
CA PRO A 263 1.95 -2.33 -5.04
C PRO A 263 2.27 -3.59 -4.25
N GLY A 264 3.36 -4.25 -4.60
CA GLY A 264 3.80 -5.44 -3.88
C GLY A 264 3.88 -6.70 -4.71
N PRO A 265 2.73 -7.31 -5.14
CA PRO A 265 2.83 -8.56 -5.93
C PRO A 265 3.44 -8.36 -7.30
N PRO A 266 4.28 -9.32 -7.79
CA PRO A 266 4.86 -9.17 -9.14
C PRO A 266 3.79 -9.30 -10.25
N GLY A 267 4.15 -8.89 -11.47
CA GLY A 267 3.29 -8.93 -12.65
C GLY A 267 2.40 -10.15 -12.79
N ARG A 268 2.99 -11.35 -12.54
CA ARG A 268 2.32 -12.64 -12.63
C ARG A 268 1.23 -12.80 -11.56
N SER A 269 1.58 -12.47 -10.30
CA SER A 269 0.71 -12.58 -9.12
C SER A 269 -0.46 -11.58 -9.19
N MET A 270 -0.22 -10.36 -9.73
CA MET A 270 -1.28 -9.35 -9.90
C MET A 270 -2.24 -9.76 -11.02
N LEU A 271 -1.73 -10.38 -12.11
CA LEU A 271 -2.55 -10.84 -13.23
C LEU A 271 -3.57 -11.88 -12.76
N ALA A 272 -3.11 -12.91 -12.04
CA ALA A 272 -3.96 -13.98 -11.53
C ALA A 272 -5.02 -13.47 -10.54
N ALA A 273 -4.66 -12.51 -9.66
CA ALA A 273 -5.53 -11.95 -8.65
C ALA A 273 -6.65 -11.13 -9.28
N LEU A 274 -6.33 -10.33 -10.31
CA LEU A 274 -7.27 -9.45 -11.02
C LEU A 274 -8.25 -10.28 -11.86
N ILE A 275 -7.82 -11.46 -12.34
CA ILE A 275 -8.65 -12.40 -13.09
C ILE A 275 -9.57 -13.08 -12.06
N ALA A 276 -9.01 -13.46 -10.89
CA ALA A 276 -9.80 -14.07 -9.81
C ALA A 276 -10.80 -13.07 -9.21
N ALA A 277 -10.51 -11.75 -9.32
CA ALA A 277 -11.39 -10.69 -8.86
C ALA A 277 -12.68 -10.66 -9.72
N GLN A 278 -12.56 -10.97 -11.03
CA GLN A 278 -13.67 -11.00 -11.99
C GLN A 278 -14.36 -12.38 -12.08
N ALA A 279 -13.95 -13.37 -11.26
CA ALA A 279 -14.51 -14.71 -11.30
C ALA A 279 -15.91 -14.77 -10.68
N THR A 280 -16.84 -15.47 -11.37
CA THR A 280 -18.23 -15.62 -10.95
C THR A 280 -18.45 -16.99 -10.30
S SO4 B . 14.41 -16.36 31.17
O1 SO4 B . 15.08 -17.65 31.48
O2 SO4 B . 13.02 -16.65 30.75
O3 SO4 B . 14.42 -15.50 32.36
O4 SO4 B . 15.16 -15.67 30.08
S SO4 C . -4.65 4.01 20.89
O1 SO4 C . -4.28 3.54 19.56
O2 SO4 C . -5.19 2.87 21.67
O3 SO4 C . -3.46 4.55 21.58
O4 SO4 C . -5.66 5.08 20.72
#